data_3WPX
#
_entry.id   3WPX
#
_cell.length_a   58.408
_cell.length_b   63.300
_cell.length_c   77.213
_cell.angle_alpha   90.00
_cell.angle_beta   90.00
_cell.angle_gamma   90.00
#
_symmetry.space_group_name_H-M   'P 21 21 21'
#
loop_
_entity.id
_entity.type
_entity.pdbx_description
1 polymer PomB
2 water water
#
_entity_poly.entity_id   1
_entity_poly.type   'polypeptide(L)'
_entity_poly.pdbx_seq_one_letter_code
;DEGKLTGGQSPATSTQNNESAEADMQQQQSKEMSQEMETLMESIKKALEREIEQGAIEVENLGQQIVIRMREKGAFPEGS
AFLQPKFRPLVRQIAELVKDVPGIVRVSGHTDNRPLDSELYRSNWDLSSQRAVSVAQEMEKVRGFSHQRLRVRGMADTEP
LLPNDSDDNRALNRRVEISIMQGEPLYSEEVPVIQHHHHHH
;
_entity_poly.pdbx_strand_id   A,B
#
# COMPACT_ATOMS: atom_id res chain seq x y z
N SER A 34 -4.88 -24.84 -10.34
CA SER A 34 -5.77 -24.25 -9.34
C SER A 34 -6.08 -25.23 -8.21
N GLN A 35 -5.67 -26.49 -8.38
CA GLN A 35 -5.88 -27.50 -7.35
C GLN A 35 -5.41 -27.00 -6.00
N GLU A 36 -4.23 -26.39 -5.98
CA GLU A 36 -3.63 -25.88 -4.75
C GLU A 36 -4.44 -24.74 -4.15
N MET A 37 -5.20 -24.04 -4.99
CA MET A 37 -6.06 -22.98 -4.51
C MET A 37 -7.18 -23.53 -3.64
N GLU A 38 -7.85 -24.57 -4.13
CA GLU A 38 -8.99 -25.12 -3.41
C GLU A 38 -8.56 -25.80 -2.10
N THR A 39 -7.51 -26.60 -2.17
CA THR A 39 -6.96 -27.26 -1.01
C THR A 39 -6.50 -26.23 0.01
N LEU A 40 -5.89 -25.15 -0.48
CA LEU A 40 -5.41 -24.08 0.39
C LEU A 40 -6.58 -23.36 1.05
N MET A 41 -7.63 -23.09 0.28
CA MET A 41 -8.78 -22.38 0.79
C MET A 41 -9.52 -23.13 1.89
N GLU A 42 -9.70 -24.43 1.71
CA GLU A 42 -10.42 -25.24 2.68
C GLU A 42 -9.55 -25.48 3.92
N SER A 43 -8.25 -25.69 3.67
CA SER A 43 -7.27 -25.80 4.74
C SER A 43 -7.31 -24.58 5.67
N ILE A 44 -7.43 -23.40 5.09
CA ILE A 44 -7.56 -22.17 5.87
C ILE A 44 -8.91 -22.14 6.57
N LYS A 45 -9.96 -22.47 5.82
CA LYS A 45 -11.31 -22.53 6.37
C LYS A 45 -11.33 -23.43 7.62
N LYS A 46 -10.76 -24.63 7.51
CA LYS A 46 -10.68 -25.55 8.63
C LYS A 46 -9.91 -24.92 9.78
N ALA A 47 -8.66 -24.56 9.52
CA ALA A 47 -7.79 -24.04 10.57
C ALA A 47 -8.40 -22.84 11.30
N LEU A 48 -9.21 -22.07 10.58
CA LEU A 48 -9.83 -20.87 11.16
C LEU A 48 -11.33 -21.03 11.48
N GLU A 49 -11.81 -22.28 11.52
CA GLU A 49 -13.22 -22.58 11.73
C GLU A 49 -13.92 -21.70 12.77
N ARG A 50 -13.35 -21.64 13.98
CA ARG A 50 -13.94 -20.88 15.08
C ARG A 50 -14.01 -19.38 14.80
N GLU A 51 -12.90 -18.80 14.35
CA GLU A 51 -12.86 -17.38 14.00
C GLU A 51 -13.90 -17.02 12.95
N ILE A 52 -14.07 -17.89 11.96
CA ILE A 52 -15.10 -17.71 10.95
C ILE A 52 -16.47 -17.75 11.56
N GLU A 53 -16.70 -18.76 12.41
CA GLU A 53 -18.00 -18.92 13.05
C GLU A 53 -18.30 -17.74 13.99
N GLN A 54 -17.26 -17.12 14.52
CA GLN A 54 -17.43 -15.98 15.43
C GLN A 54 -17.56 -14.65 14.70
N GLY A 55 -17.43 -14.68 13.36
CA GLY A 55 -17.58 -13.50 12.54
C GLY A 55 -16.32 -12.63 12.45
N ALA A 56 -15.25 -13.06 13.11
CA ALA A 56 -14.02 -12.28 13.14
C ALA A 56 -13.23 -12.41 11.84
N ILE A 57 -13.63 -13.38 11.01
CA ILE A 57 -12.89 -13.66 9.78
C ILE A 57 -13.81 -14.20 8.70
N GLU A 58 -13.53 -13.80 7.46
CA GLU A 58 -14.26 -14.31 6.32
C GLU A 58 -13.24 -14.72 5.25
N VAL A 59 -13.45 -15.88 4.65
CA VAL A 59 -12.56 -16.39 3.63
C VAL A 59 -13.33 -16.73 2.37
N GLU A 60 -13.04 -16.02 1.27
CA GLU A 60 -13.70 -16.33 0.01
C GLU A 60 -12.76 -16.26 -1.18
N ASN A 61 -13.07 -17.05 -2.20
CA ASN A 61 -12.31 -17.05 -3.44
C ASN A 61 -12.68 -15.85 -4.30
N LEU A 62 -11.70 -15.28 -4.98
CA LEU A 62 -11.96 -14.15 -5.85
C LEU A 62 -11.13 -14.27 -7.12
N GLY A 63 -11.73 -14.86 -8.14
CA GLY A 63 -11.01 -15.14 -9.36
C GLY A 63 -9.90 -16.11 -9.03
N GLN A 64 -8.67 -15.66 -9.22
CA GLN A 64 -7.50 -16.51 -9.02
C GLN A 64 -6.82 -16.17 -7.69
N GLN A 65 -7.53 -15.51 -6.79
CA GLN A 65 -6.95 -15.18 -5.49
C GLN A 65 -7.84 -15.57 -4.33
N ILE A 66 -7.22 -15.92 -3.21
CA ILE A 66 -7.96 -16.19 -2.00
C ILE A 66 -7.88 -14.96 -1.11
N VAL A 67 -9.03 -14.49 -0.66
CA VAL A 67 -9.10 -13.28 0.14
C VAL A 67 -9.55 -13.58 1.56
N ILE A 68 -8.79 -13.08 2.53
CA ILE A 68 -9.09 -13.25 3.94
C ILE A 68 -9.38 -11.89 4.56
N ARG A 69 -10.62 -11.69 4.99
CA ARG A 69 -11.04 -10.44 5.63
C ARG A 69 -11.08 -10.58 7.13
N MET A 70 -10.51 -9.60 7.82
CA MET A 70 -10.45 -9.65 9.28
C MET A 70 -11.00 -8.38 9.88
N ARG A 71 -12.03 -8.55 10.71
CA ARG A 71 -12.79 -7.43 11.23
C ARG A 71 -11.98 -6.64 12.22
N GLU A 72 -12.27 -5.35 12.29
CA GLU A 72 -11.58 -4.46 13.22
C GLU A 72 -11.72 -4.91 14.68
N LYS A 73 -12.95 -5.26 15.08
CA LYS A 73 -13.21 -5.62 16.46
C LYS A 73 -12.41 -6.84 16.91
N GLY A 74 -11.57 -6.66 17.91
CA GLY A 74 -10.73 -7.72 18.41
C GLY A 74 -9.35 -7.81 17.77
N ALA A 75 -9.13 -6.99 16.74
CA ALA A 75 -7.83 -6.96 16.07
C ALA A 75 -7.12 -5.63 16.31
N PHE A 76 -7.84 -4.54 16.16
CA PHE A 76 -7.29 -3.21 16.38
C PHE A 76 -8.22 -2.43 17.26
N PRO A 77 -7.66 -1.54 18.08
CA PRO A 77 -8.47 -0.56 18.78
C PRO A 77 -8.92 0.50 17.78
N GLU A 78 -10.12 1.05 17.92
CA GLU A 78 -10.58 2.07 16.99
C GLU A 78 -9.60 3.24 16.97
N GLY A 79 -9.34 3.79 15.80
CA GLY A 79 -8.43 4.91 15.66
C GLY A 79 -6.96 4.55 15.75
N SER A 80 -6.68 3.27 15.99
CA SER A 80 -5.30 2.79 16.19
C SER A 80 -4.86 1.77 15.14
N ALA A 81 -3.55 1.74 14.87
CA ALA A 81 -2.97 0.73 14.00
C ALA A 81 -2.29 -0.36 14.83
N PHE A 82 -2.27 -0.15 16.14
CA PHE A 82 -1.67 -1.09 17.06
C PHE A 82 -2.44 -2.41 17.00
N LEU A 83 -1.76 -3.47 16.57
CA LEU A 83 -2.34 -4.79 16.51
C LEU A 83 -2.59 -5.29 17.93
N GLN A 84 -3.77 -5.85 18.17
CA GLN A 84 -4.12 -6.27 19.52
C GLN A 84 -3.61 -7.68 19.88
N PRO A 85 -3.07 -7.83 21.11
CA PRO A 85 -2.45 -9.03 21.67
C PRO A 85 -3.08 -10.34 21.24
N LYS A 86 -4.39 -10.46 21.40
CA LYS A 86 -5.06 -11.72 21.10
C LYS A 86 -5.10 -12.02 19.60
N PHE A 87 -4.83 -11.00 18.78
CA PHE A 87 -4.92 -11.19 17.34
C PHE A 87 -3.60 -11.61 16.70
N ARG A 88 -2.49 -11.27 17.35
CA ARG A 88 -1.17 -11.61 16.82
C ARG A 88 -1.07 -13.07 16.35
N PRO A 89 -1.42 -14.03 17.24
CA PRO A 89 -1.33 -15.46 16.88
C PRO A 89 -2.21 -15.83 15.69
N LEU A 90 -3.35 -15.17 15.55
CA LEU A 90 -4.21 -15.47 14.40
C LEU A 90 -3.46 -15.13 13.11
N VAL A 91 -2.88 -13.93 13.09
CA VAL A 91 -2.06 -13.44 12.00
C VAL A 91 -0.91 -14.41 11.68
N ARG A 92 -0.18 -14.83 12.69
CA ARG A 92 0.90 -15.80 12.47
C ARG A 92 0.39 -17.13 11.93
N GLN A 93 -0.79 -17.56 12.41
CA GLN A 93 -1.40 -18.78 11.91
CA GLN A 93 -1.38 -18.79 11.91
C GLN A 93 -1.64 -18.68 10.41
N ILE A 94 -2.24 -17.57 10.00
CA ILE A 94 -2.48 -17.31 8.58
C ILE A 94 -1.16 -17.38 7.80
N ALA A 95 -0.13 -16.73 8.31
CA ALA A 95 1.20 -16.82 7.70
C ALA A 95 1.73 -18.27 7.64
N GLU A 96 1.54 -19.03 8.71
CA GLU A 96 1.91 -20.45 8.75
C GLU A 96 1.23 -21.20 7.61
N LEU A 97 -0.07 -20.99 7.49
CA LEU A 97 -0.90 -21.66 6.49
C LEU A 97 -0.46 -21.45 5.04
N VAL A 98 0.06 -20.27 4.73
CA VAL A 98 0.38 -19.96 3.33
C VAL A 98 1.87 -19.94 3.01
N LYS A 99 2.73 -20.17 4.00
CA LYS A 99 4.17 -20.06 3.77
C LYS A 99 4.71 -21.01 2.69
N ASP A 100 4.03 -22.14 2.50
CA ASP A 100 4.53 -23.16 1.58
C ASP A 100 3.88 -23.07 0.21
N VAL A 101 3.04 -22.04 0.02
CA VAL A 101 2.35 -21.79 -1.24
C VAL A 101 3.04 -20.66 -1.99
N PRO A 102 3.12 -20.76 -3.33
CA PRO A 102 3.72 -19.67 -4.11
C PRO A 102 2.76 -18.49 -4.24
N GLY A 103 3.25 -17.32 -4.59
CA GLY A 103 2.38 -16.18 -4.84
C GLY A 103 2.50 -15.01 -3.90
N ILE A 104 2.14 -13.83 -4.38
CA ILE A 104 2.17 -12.60 -3.59
C ILE A 104 1.18 -12.64 -2.44
N VAL A 105 1.58 -12.11 -1.29
CA VAL A 105 0.65 -11.92 -0.19
C VAL A 105 0.40 -10.43 0.01
N ARG A 106 -0.76 -9.96 -0.42
CA ARG A 106 -1.03 -8.53 -0.35
C ARG A 106 -1.88 -8.20 0.87
N VAL A 107 -1.34 -7.39 1.76
CA VAL A 107 -2.06 -6.92 2.94
C VAL A 107 -2.63 -5.50 2.73
N SER A 108 -3.95 -5.37 2.88
CA SER A 108 -4.62 -4.11 2.59
C SER A 108 -5.45 -3.63 3.77
N GLY A 109 -5.17 -2.42 4.22
CA GLY A 109 -5.99 -1.76 5.24
C GLY A 109 -7.05 -0.85 4.67
N HIS A 110 -8.17 -0.74 5.39
CA HIS A 110 -9.36 -0.01 4.95
C HIS A 110 -9.93 0.84 6.08
N THR A 111 -10.51 1.98 5.74
CA THR A 111 -11.26 2.77 6.71
C THR A 111 -12.69 2.95 6.21
N ASP A 112 -13.55 3.55 7.04
CA ASP A 112 -14.84 4.00 6.54
C ASP A 112 -14.62 5.40 5.97
N ASN A 113 -15.70 6.05 5.53
CA ASN A 113 -15.60 7.33 4.83
C ASN A 113 -15.61 8.56 5.73
N ARG A 114 -15.68 8.35 7.05
CA ARG A 114 -15.67 9.49 7.97
C ARG A 114 -14.28 10.13 8.00
N PRO A 115 -14.22 11.47 7.89
CA PRO A 115 -12.92 12.11 8.05
C PRO A 115 -12.36 11.70 9.39
N LEU A 116 -11.04 11.65 9.49
CA LEU A 116 -10.40 11.16 10.70
C LEU A 116 -9.87 12.31 11.55
N ASP A 117 -10.15 12.27 12.85
CA ASP A 117 -9.55 13.24 13.75
C ASP A 117 -8.79 12.53 14.86
N SER A 118 -7.48 12.47 14.65
CA SER A 118 -6.56 11.95 15.63
C SER A 118 -5.27 12.70 15.37
N GLU A 119 -4.42 12.81 16.38
CA GLU A 119 -3.16 13.53 16.22
C GLU A 119 -2.06 12.59 15.74
N LEU A 120 -2.26 11.29 15.92
CA LEU A 120 -1.24 10.31 15.58
C LEU A 120 -1.16 9.99 14.10
N TYR A 121 -2.29 10.07 13.39
CA TYR A 121 -2.32 9.73 11.96
C TYR A 121 -2.77 10.90 11.09
N ARG A 122 -2.08 11.10 9.98
CA ARG A 122 -2.28 12.27 9.15
C ARG A 122 -3.53 12.19 8.28
N SER A 123 -4.13 11.01 8.20
CA SER A 123 -5.34 10.81 7.40
C SER A 123 -5.72 9.33 7.38
N ASN A 124 -6.76 9.02 6.63
CA ASN A 124 -7.21 7.65 6.45
C ASN A 124 -6.20 6.83 5.64
N TRP A 125 -5.49 7.48 4.72
CA TRP A 125 -4.43 6.81 3.99
C TRP A 125 -3.36 6.35 4.96
N ASP A 126 -3.06 7.20 5.94
CA ASP A 126 -2.05 6.90 6.94
C ASP A 126 -2.48 5.74 7.84
N LEU A 127 -3.68 5.84 8.39
CA LEU A 127 -4.16 4.83 9.31
C LEU A 127 -4.38 3.47 8.63
N SER A 128 -5.01 3.46 7.46
CA SER A 128 -5.26 2.19 6.77
C SER A 128 -3.92 1.56 6.37
N SER A 129 -3.02 2.42 5.96
CA SER A 129 -1.68 2.01 5.58
C SER A 129 -0.94 1.37 6.77
N GLN A 130 -0.90 2.06 7.90
CA GLN A 130 -0.22 1.55 9.09
CA GLN A 130 -0.22 1.55 9.09
C GLN A 130 -0.80 0.22 9.61
N ARG A 131 -2.10 0.02 9.47
CA ARG A 131 -2.73 -1.21 9.91
C ARG A 131 -2.23 -2.40 9.09
N ALA A 132 -2.09 -2.18 7.79
CA ALA A 132 -1.55 -3.23 6.92
C ALA A 132 -0.08 -3.47 7.26
N VAL A 133 0.64 -2.41 7.64
CA VAL A 133 2.03 -2.52 8.07
C VAL A 133 2.19 -3.45 9.30
N SER A 134 1.33 -3.25 10.30
CA SER A 134 1.34 -4.07 11.51
C SER A 134 1.15 -5.55 11.21
N VAL A 135 0.11 -5.86 10.42
CA VAL A 135 -0.14 -7.23 10.02
C VAL A 135 1.05 -7.84 9.25
N ALA A 136 1.64 -7.08 8.33
CA ALA A 136 2.74 -7.62 7.53
C ALA A 136 3.96 -7.91 8.40
N GLN A 137 4.24 -6.99 9.32
CA GLN A 137 5.34 -7.16 10.26
C GLN A 137 5.13 -8.38 11.14
N GLU A 138 3.86 -8.67 11.43
CA GLU A 138 3.54 -9.78 12.31
C GLU A 138 3.63 -11.11 11.55
N MET A 139 3.36 -11.09 10.26
CA MET A 139 3.43 -12.31 9.44
C MET A 139 4.86 -12.73 9.16
N GLU A 140 5.75 -11.76 8.94
CA GLU A 140 7.11 -12.11 8.54
C GLU A 140 7.96 -12.65 9.71
N LYS A 141 7.37 -12.71 10.90
CA LYS A 141 8.02 -13.32 12.06
C LYS A 141 7.93 -14.84 12.02
N VAL A 142 6.95 -15.36 11.30
CA VAL A 142 6.83 -16.78 11.06
C VAL A 142 8.01 -17.29 10.24
N ARG A 143 8.78 -18.21 10.81
CA ARG A 143 9.92 -18.81 10.12
C ARG A 143 9.44 -19.52 8.85
N GLY A 144 10.10 -19.25 7.74
CA GLY A 144 9.69 -19.84 6.49
C GLY A 144 8.76 -18.96 5.66
N PHE A 145 8.13 -17.98 6.29
CA PHE A 145 7.30 -17.04 5.53
C PHE A 145 8.18 -15.97 4.91
N SER A 146 8.29 -15.98 3.59
CA SER A 146 9.19 -15.08 2.90
C SER A 146 8.73 -13.62 2.87
N HIS A 147 9.61 -12.76 3.37
CA HIS A 147 9.46 -11.31 3.38
C HIS A 147 9.18 -10.77 1.97
N GLN A 148 9.89 -11.35 1.01
CA GLN A 148 9.81 -10.95 -0.38
C GLN A 148 8.41 -11.07 -1.00
N ARG A 149 7.57 -11.91 -0.41
CA ARG A 149 6.22 -12.12 -0.94
C ARG A 149 5.23 -11.02 -0.55
N LEU A 150 5.57 -10.23 0.45
CA LEU A 150 4.64 -9.26 1.03
C LEU A 150 4.45 -7.99 0.21
N ARG A 151 3.21 -7.48 0.19
CA ARG A 151 2.92 -6.15 -0.35
C ARG A 151 1.95 -5.46 0.58
N VAL A 152 2.17 -4.18 0.85
CA VAL A 152 1.35 -3.47 1.79
C VAL A 152 0.57 -2.35 1.10
N ARG A 153 -0.72 -2.25 1.43
CA ARG A 153 -1.59 -1.27 0.83
C ARG A 153 -2.45 -0.52 1.87
N GLY A 154 -2.52 0.80 1.74
CA GLY A 154 -3.58 1.57 2.37
C GLY A 154 -4.65 1.97 1.35
N MET A 155 -5.89 1.57 1.59
CA MET A 155 -6.98 1.83 0.66
C MET A 155 -7.91 2.92 1.15
N ALA A 156 -7.63 3.47 2.32
CA ALA A 156 -8.58 4.37 2.98
C ALA A 156 -10.01 3.89 2.74
N ASP A 157 -10.87 4.79 2.27
CA ASP A 157 -12.30 4.48 2.10
C ASP A 157 -12.68 4.14 0.66
N THR A 158 -11.69 3.83 -0.17
CA THR A 158 -11.92 3.66 -1.61
C THR A 158 -12.63 2.37 -2.01
N GLU A 159 -12.52 1.34 -1.18
CA GLU A 159 -13.19 0.07 -1.47
C GLU A 159 -14.11 -0.41 -0.33
N PRO A 160 -15.27 0.27 -0.19
CA PRO A 160 -16.22 -0.20 0.83
C PRO A 160 -16.77 -1.59 0.53
N LEU A 161 -17.05 -2.35 1.58
CA LEU A 161 -17.82 -3.57 1.45
C LEU A 161 -19.29 -3.23 1.47
N LEU A 162 -19.63 -2.29 2.35
CA LEU A 162 -21.00 -1.94 2.65
C LEU A 162 -21.21 -0.43 2.47
N PRO A 163 -22.46 0.00 2.19
CA PRO A 163 -22.69 1.45 2.20
C PRO A 163 -22.36 2.02 3.57
N ASN A 164 -21.71 3.18 3.62
CA ASN A 164 -21.37 3.82 4.87
C ASN A 164 -22.54 4.61 5.44
N ASP A 165 -23.64 3.93 5.77
CA ASP A 165 -24.86 4.60 6.18
C ASP A 165 -25.35 4.15 7.54
N SER A 166 -24.47 3.57 8.34
CA SER A 166 -24.79 3.24 9.72
C SER A 166 -23.51 2.89 10.45
N ASP A 167 -23.56 2.86 11.78
CA ASP A 167 -22.38 2.56 12.57
C ASP A 167 -21.86 1.13 12.34
N ASP A 168 -22.78 0.16 12.26
CA ASP A 168 -22.41 -1.24 12.07
C ASP A 168 -21.72 -1.45 10.74
N ASN A 169 -22.21 -0.76 9.71
CA ASN A 169 -21.64 -0.84 8.37
C ASN A 169 -20.26 -0.20 8.29
N ARG A 170 -20.14 1.03 8.78
CA ARG A 170 -18.88 1.73 8.77
C ARG A 170 -17.83 0.87 9.46
N ALA A 171 -18.23 0.18 10.53
CA ALA A 171 -17.31 -0.69 11.26
C ALA A 171 -16.86 -1.91 10.44
N LEU A 172 -17.76 -2.50 9.68
CA LEU A 172 -17.41 -3.64 8.84
C LEU A 172 -16.47 -3.23 7.69
N ASN A 173 -16.60 -1.99 7.22
CA ASN A 173 -15.70 -1.47 6.20
C ASN A 173 -14.27 -1.29 6.68
N ARG A 174 -14.08 -1.24 7.98
CA ARG A 174 -12.76 -0.97 8.54
C ARG A 174 -11.91 -2.23 8.72
N ARG A 175 -12.21 -3.26 7.93
CA ARG A 175 -11.48 -4.51 8.02
C ARG A 175 -10.07 -4.39 7.41
N VAL A 176 -9.21 -5.35 7.73
CA VAL A 176 -7.95 -5.52 7.02
C VAL A 176 -8.08 -6.78 6.17
N GLU A 177 -7.51 -6.75 4.96
CA GLU A 177 -7.63 -7.91 4.09
C GLU A 177 -6.27 -8.47 3.74
N ILE A 178 -6.17 -9.79 3.73
CA ILE A 178 -4.98 -10.46 3.24
C ILE A 178 -5.35 -11.20 1.99
N SER A 179 -4.69 -10.90 0.88
CA SER A 179 -5.03 -11.53 -0.36
C SER A 179 -3.88 -12.43 -0.82
N ILE A 180 -4.16 -13.72 -1.00
CA ILE A 180 -3.17 -14.67 -1.49
C ILE A 180 -3.30 -14.79 -3.00
N MET A 181 -2.33 -14.28 -3.74
CA MET A 181 -2.41 -14.23 -5.19
C MET A 181 -1.36 -15.10 -5.89
N GLN A 182 -1.83 -16.19 -6.49
CA GLN A 182 -0.96 -17.14 -7.18
C GLN A 182 -0.11 -16.51 -8.28
N SER B 34 -5.40 3.97 -25.35
CA SER B 34 -4.04 4.42 -25.05
C SER B 34 -3.71 5.74 -25.74
N GLN B 35 -4.51 6.12 -26.73
CA GLN B 35 -4.28 7.39 -27.42
C GLN B 35 -4.52 8.55 -26.46
N GLU B 36 -5.48 8.38 -25.56
CA GLU B 36 -5.71 9.33 -24.48
C GLU B 36 -4.53 9.26 -23.50
N MET B 37 -3.89 8.10 -23.47
CA MET B 37 -2.71 7.86 -22.63
C MET B 37 -1.42 8.40 -23.27
N GLU B 38 -1.24 8.10 -24.55
CA GLU B 38 -0.06 8.59 -25.27
C GLU B 38 -0.02 10.11 -25.29
N THR B 39 -1.18 10.72 -25.49
CA THR B 39 -1.27 12.16 -25.39
C THR B 39 -0.89 12.60 -23.99
N LEU B 40 -1.50 11.95 -23.00
CA LEU B 40 -1.21 12.23 -21.60
C LEU B 40 0.28 12.16 -21.34
N MET B 41 0.91 11.09 -21.84
CA MET B 41 2.31 10.88 -21.56
C MET B 41 3.18 12.03 -22.09
N GLU B 42 2.90 12.45 -23.31
CA GLU B 42 3.62 13.58 -23.89
C GLU B 42 3.35 14.86 -23.12
N SER B 43 2.11 15.02 -22.67
CA SER B 43 1.76 16.19 -21.86
C SER B 43 2.63 16.23 -20.62
N ILE B 44 2.90 15.04 -20.07
CA ILE B 44 3.74 14.89 -18.89
C ILE B 44 5.22 15.09 -19.22
N LYS B 45 5.72 14.36 -20.21
CA LYS B 45 7.09 14.53 -20.67
C LYS B 45 7.43 15.99 -20.97
N LYS B 46 6.52 16.71 -21.61
CA LYS B 46 6.75 18.12 -21.89
C LYS B 46 6.54 19.00 -20.64
N ALA B 47 5.57 18.62 -19.81
CA ALA B 47 5.32 19.37 -18.59
C ALA B 47 6.53 19.34 -17.66
N LEU B 48 7.15 18.17 -17.54
CA LEU B 48 8.25 17.99 -16.60
C LEU B 48 9.60 17.83 -17.28
N GLU B 49 9.71 18.33 -18.51
CA GLU B 49 10.96 18.25 -19.27
C GLU B 49 12.19 18.66 -18.45
N ARG B 50 12.07 19.76 -17.70
CA ARG B 50 13.15 20.22 -16.85
C ARG B 50 13.61 19.16 -15.86
N GLU B 51 12.67 18.64 -15.08
CA GLU B 51 13.00 17.65 -14.06
C GLU B 51 13.45 16.33 -14.67
N ILE B 52 12.88 16.00 -15.82
CA ILE B 52 13.30 14.82 -16.58
C ILE B 52 14.78 14.93 -16.99
N GLU B 53 15.22 16.16 -17.26
CA GLU B 53 16.61 16.43 -17.62
C GLU B 53 17.53 16.23 -16.41
N GLN B 54 17.22 16.91 -15.31
CA GLN B 54 18.00 16.81 -14.09
C GLN B 54 18.13 15.37 -13.60
N GLY B 55 17.07 14.58 -13.81
CA GLY B 55 17.05 13.21 -13.32
C GLY B 55 16.21 13.09 -12.06
N ALA B 56 15.43 14.12 -11.77
CA ALA B 56 14.51 14.10 -10.64
C ALA B 56 13.32 13.20 -10.95
N ILE B 57 12.83 13.28 -12.18
CA ILE B 57 11.72 12.44 -12.62
C ILE B 57 12.12 11.62 -13.83
N GLU B 58 11.54 10.43 -13.92
CA GLU B 58 11.63 9.63 -15.11
C GLU B 58 10.21 9.20 -15.46
N VAL B 59 9.87 9.22 -16.75
CA VAL B 59 8.56 8.77 -17.20
C VAL B 59 8.69 7.61 -18.18
N GLU B 60 8.16 6.45 -17.80
CA GLU B 60 8.15 5.28 -18.67
C GLU B 60 6.72 4.92 -18.99
N ASN B 61 6.55 4.03 -19.98
CA ASN B 61 5.24 3.48 -20.28
C ASN B 61 5.30 1.95 -20.18
N LEU B 62 4.44 1.37 -19.35
CA LEU B 62 4.47 -0.07 -19.11
C LEU B 62 3.10 -0.70 -19.32
N GLY B 63 2.87 -1.26 -20.51
CA GLY B 63 1.57 -1.79 -20.83
C GLY B 63 0.60 -0.64 -21.03
N GLN B 64 -0.58 -0.75 -20.43
CA GLN B 64 -1.58 0.33 -20.51
C GLN B 64 -1.43 1.31 -19.35
N GLN B 65 -0.22 1.38 -18.79
CA GLN B 65 0.02 2.17 -17.60
C GLN B 65 1.22 3.10 -17.76
N ILE B 66 1.09 4.30 -17.20
CA ILE B 66 2.16 5.28 -17.23
C ILE B 66 2.80 5.35 -15.85
N VAL B 67 4.10 5.12 -15.79
CA VAL B 67 4.81 5.14 -14.52
C VAL B 67 5.70 6.36 -14.40
N ILE B 68 5.48 7.15 -13.34
CA ILE B 68 6.34 8.29 -13.04
C ILE B 68 7.19 7.96 -11.83
N ARG B 69 8.51 8.01 -12.01
CA ARG B 69 9.43 7.70 -10.94
C ARG B 69 10.08 8.97 -10.46
N MET B 70 9.96 9.23 -9.18
CA MET B 70 10.54 10.42 -8.61
C MET B 70 11.73 10.01 -7.77
N ARG B 71 12.85 10.67 -7.99
CA ARG B 71 14.11 10.36 -7.31
C ARG B 71 14.02 10.76 -5.84
N GLU B 72 14.60 9.96 -4.95
CA GLU B 72 14.57 10.27 -3.53
C GLU B 72 15.23 11.62 -3.21
N LYS B 73 16.38 11.87 -3.81
CA LYS B 73 17.16 13.08 -3.56
C LYS B 73 16.44 14.31 -4.09
N GLY B 74 16.18 15.26 -3.19
CA GLY B 74 15.40 16.43 -3.55
C GLY B 74 13.93 16.33 -3.19
N ALA B 75 13.40 15.11 -3.10
CA ALA B 75 12.00 14.93 -2.72
C ALA B 75 11.79 14.51 -1.24
N PHE B 76 12.64 13.62 -0.72
CA PHE B 76 12.56 13.18 0.68
C PHE B 76 13.94 13.12 1.31
N PRO B 77 14.06 13.58 2.56
CA PRO B 77 15.31 13.35 3.28
C PRO B 77 15.53 11.85 3.37
N GLU B 78 16.76 11.42 3.60
CA GLU B 78 17.04 10.01 3.79
C GLU B 78 16.45 9.54 5.11
N GLY B 79 15.83 8.37 5.08
CA GLY B 79 15.26 7.79 6.28
C GLY B 79 14.01 8.50 6.77
N SER B 80 13.44 9.35 5.93
CA SER B 80 12.26 10.14 6.30
C SER B 80 11.16 10.10 5.25
N ALA B 81 9.91 10.14 5.71
CA ALA B 81 8.74 10.18 4.82
C ALA B 81 8.23 11.62 4.62
N PHE B 82 8.99 12.57 5.14
CA PHE B 82 8.68 13.99 5.06
C PHE B 82 8.96 14.53 3.66
N LEU B 83 7.90 14.82 2.92
CA LEU B 83 8.02 15.39 1.60
C LEU B 83 8.65 16.78 1.71
N GLN B 84 9.80 16.97 1.10
CA GLN B 84 10.46 18.28 1.12
C GLN B 84 9.63 19.39 0.46
N PRO B 85 9.61 20.57 1.10
CA PRO B 85 8.85 21.75 0.68
C PRO B 85 9.01 22.12 -0.79
N LYS B 86 10.24 22.14 -1.30
CA LYS B 86 10.45 22.50 -2.71
C LYS B 86 9.88 21.48 -3.69
N PHE B 87 9.60 20.27 -3.21
CA PHE B 87 9.14 19.22 -4.10
C PHE B 87 7.60 19.11 -4.12
N ARG B 88 6.95 19.67 -3.13
CA ARG B 88 5.49 19.65 -3.06
C ARG B 88 4.77 20.15 -4.32
N PRO B 89 5.22 21.27 -4.90
CA PRO B 89 4.50 21.80 -6.07
C PRO B 89 4.59 20.87 -7.27
N LEU B 90 5.70 20.16 -7.39
CA LEU B 90 5.87 19.19 -8.45
C LEU B 90 4.83 18.07 -8.32
N VAL B 91 4.59 17.64 -7.09
CA VAL B 91 3.61 16.61 -6.86
C VAL B 91 2.22 17.11 -7.23
N ARG B 92 1.90 18.35 -6.82
CA ARG B 92 0.60 18.92 -7.14
C ARG B 92 0.45 19.07 -8.66
N GLN B 93 1.56 19.43 -9.31
CA GLN B 93 1.54 19.56 -10.76
C GLN B 93 1.19 18.23 -11.43
N ILE B 94 1.76 17.14 -10.92
CA ILE B 94 1.44 15.82 -11.44
C ILE B 94 -0.04 15.51 -11.24
N ALA B 95 -0.59 15.90 -10.08
CA ALA B 95 -2.02 15.69 -9.81
C ALA B 95 -2.87 16.51 -10.79
N GLU B 96 -2.40 17.70 -11.10
CA GLU B 96 -3.07 18.56 -12.09
C GLU B 96 -3.06 17.92 -13.48
N LEU B 97 -1.90 17.45 -13.93
CA LEU B 97 -1.77 16.84 -15.25
C LEU B 97 -2.66 15.63 -15.47
N VAL B 98 -2.91 14.87 -14.41
CA VAL B 98 -3.65 13.61 -14.56
C VAL B 98 -5.08 13.67 -14.06
N LYS B 99 -5.51 14.83 -13.55
CA LYS B 99 -6.83 14.90 -12.93
C LYS B 99 -7.96 14.62 -13.91
N ASP B 100 -7.68 14.75 -15.19
CA ASP B 100 -8.77 14.66 -16.16
C ASP B 100 -8.94 13.32 -16.85
N VAL B 101 -8.00 12.41 -16.66
CA VAL B 101 -8.11 11.09 -17.26
C VAL B 101 -8.71 10.07 -16.30
N PRO B 102 -9.39 9.05 -16.84
CA PRO B 102 -9.85 7.98 -15.97
C PRO B 102 -8.69 7.05 -15.62
N GLY B 103 -8.86 6.25 -14.57
CA GLY B 103 -7.83 5.30 -14.20
C GLY B 103 -7.34 5.48 -12.78
N ILE B 104 -6.96 4.37 -12.17
CA ILE B 104 -6.39 4.36 -10.83
C ILE B 104 -5.06 5.10 -10.84
N VAL B 105 -4.81 5.88 -9.78
CA VAL B 105 -3.50 6.46 -9.53
C VAL B 105 -2.88 5.74 -8.34
N ARG B 106 -1.92 4.87 -8.63
CA ARG B 106 -1.33 4.08 -7.57
C ARG B 106 0.02 4.68 -7.18
N VAL B 107 0.13 5.11 -5.91
CA VAL B 107 1.38 5.66 -5.39
C VAL B 107 2.11 4.61 -4.55
N SER B 108 3.37 4.34 -4.89
CA SER B 108 4.16 3.27 -4.27
C SER B 108 5.49 3.78 -3.77
N GLY B 109 5.74 3.62 -2.47
CA GLY B 109 7.05 3.92 -1.92
C GLY B 109 7.94 2.70 -1.95
N HIS B 110 9.26 2.91 -2.03
CA HIS B 110 10.25 1.85 -2.10
C HIS B 110 11.45 2.20 -1.22
N THR B 111 12.10 1.17 -0.68
CA THR B 111 13.39 1.33 0.00
C THR B 111 14.46 0.43 -0.62
N ASP B 112 15.69 0.55 -0.13
CA ASP B 112 16.73 -0.41 -0.47
C ASP B 112 16.65 -1.54 0.56
N ASN B 113 17.63 -2.44 0.55
CA ASN B 113 17.59 -3.60 1.43
C ASN B 113 18.33 -3.45 2.75
N ARG B 114 18.93 -2.28 2.98
CA ARG B 114 19.61 -2.04 4.25
C ARG B 114 18.59 -1.97 5.38
N PRO B 115 18.86 -2.70 6.48
CA PRO B 115 17.97 -2.66 7.64
C PRO B 115 17.83 -1.22 8.12
N LEU B 116 16.60 -0.81 8.41
CA LEU B 116 16.33 0.55 8.83
C LEU B 116 16.71 0.74 10.28
N ASP B 117 17.56 1.75 10.55
CA ASP B 117 17.93 2.11 11.91
C ASP B 117 17.06 3.28 12.36
N SER B 118 15.82 2.98 12.74
CA SER B 118 14.84 4.04 12.91
C SER B 118 14.18 4.11 14.28
N GLU B 119 14.20 5.32 14.83
CA GLU B 119 13.29 5.66 15.90
C GLU B 119 11.92 5.82 15.28
N LEU B 120 11.86 6.62 14.22
CA LEU B 120 10.59 7.11 13.64
C LEU B 120 9.75 6.03 12.94
N TYR B 121 10.40 5.11 12.25
CA TYR B 121 9.67 4.11 11.46
C TYR B 121 9.96 2.68 11.95
N ARG B 122 8.92 1.85 12.01
CA ARG B 122 9.03 0.51 12.57
C ARG B 122 9.78 -0.45 11.65
N SER B 123 9.78 -0.15 10.35
CA SER B 123 10.36 -1.05 9.37
C SER B 123 10.35 -0.38 8.00
N ASN B 124 10.90 -1.08 7.01
CA ASN B 124 10.90 -0.60 5.65
C ASN B 124 9.48 -0.59 5.02
N TRP B 125 8.59 -1.45 5.51
CA TRP B 125 7.17 -1.39 5.12
C TRP B 125 6.59 -0.06 5.54
N ASP B 126 6.87 0.32 6.78
CA ASP B 126 6.35 1.55 7.37
C ASP B 126 6.82 2.81 6.63
N LEU B 127 8.14 2.95 6.51
CA LEU B 127 8.76 4.09 5.84
C LEU B 127 8.31 4.18 4.40
N SER B 128 8.38 3.08 3.66
CA SER B 128 8.02 3.11 2.25
C SER B 128 6.54 3.46 2.10
N SER B 129 5.74 2.90 3.00
CA SER B 129 4.33 3.20 3.13
C SER B 129 4.05 4.68 3.38
N GLN B 130 4.70 5.24 4.40
CA GLN B 130 4.47 6.64 4.76
CA GLN B 130 4.48 6.63 4.75
C GLN B 130 4.90 7.60 3.64
N ARG B 131 5.89 7.21 2.84
CA ARG B 131 6.30 8.06 1.74
C ARG B 131 5.20 8.17 0.71
N ALA B 132 4.51 7.05 0.48
CA ALA B 132 3.42 7.02 -0.49
C ALA B 132 2.22 7.80 0.05
N VAL B 133 2.06 7.77 1.37
CA VAL B 133 1.04 8.56 2.03
C VAL B 133 1.31 10.06 1.85
N SER B 134 2.55 10.48 2.06
CA SER B 134 2.89 11.90 1.91
C SER B 134 2.56 12.41 0.51
N VAL B 135 2.92 11.62 -0.50
CA VAL B 135 2.66 12.00 -1.88
C VAL B 135 1.15 12.04 -2.19
N ALA B 136 0.44 10.98 -1.81
CA ALA B 136 -1.02 10.93 -1.99
C ALA B 136 -1.76 12.10 -1.33
N GLN B 137 -1.37 12.44 -0.12
CA GLN B 137 -2.01 13.53 0.59
C GLN B 137 -1.79 14.84 -0.15
N GLU B 138 -0.62 14.98 -0.78
CA GLU B 138 -0.29 16.20 -1.51
C GLU B 138 -1.08 16.29 -2.81
N MET B 139 -1.23 15.17 -3.51
CA MET B 139 -1.97 15.12 -4.77
C MET B 139 -3.45 15.44 -4.61
N GLU B 140 -4.05 15.02 -3.49
CA GLU B 140 -5.48 15.22 -3.33
C GLU B 140 -5.82 16.63 -2.87
N LYS B 141 -4.79 17.46 -2.69
CA LYS B 141 -4.98 18.87 -2.37
C LYS B 141 -5.30 19.65 -3.64
N VAL B 142 -5.07 19.02 -4.79
CA VAL B 142 -5.38 19.66 -6.07
C VAL B 142 -6.88 19.57 -6.35
N ARG B 143 -7.44 20.70 -6.77
CA ARG B 143 -8.87 20.81 -6.99
C ARG B 143 -9.30 19.99 -8.21
N GLY B 144 -10.31 19.15 -8.02
CA GLY B 144 -10.78 18.29 -9.10
C GLY B 144 -10.09 16.94 -9.16
N PHE B 145 -8.99 16.78 -8.42
CA PHE B 145 -8.35 15.48 -8.35
C PHE B 145 -9.15 14.54 -7.48
N SER B 146 -9.55 13.41 -8.05
CA SER B 146 -10.40 12.47 -7.32
C SER B 146 -9.66 11.61 -6.29
N HIS B 147 -9.94 11.90 -5.02
CA HIS B 147 -9.49 11.11 -3.89
C HIS B 147 -9.77 9.61 -4.09
N GLN B 148 -10.94 9.31 -4.66
CA GLN B 148 -11.37 7.94 -4.92
C GLN B 148 -10.45 7.14 -5.88
N ARG B 149 -9.62 7.84 -6.65
CA ARG B 149 -8.73 7.20 -7.63
C ARG B 149 -7.44 6.63 -7.02
N LEU B 150 -7.07 7.14 -5.87
CA LEU B 150 -5.77 6.91 -5.27
C LEU B 150 -5.67 5.53 -4.63
N ARG B 151 -4.47 4.97 -4.67
CA ARG B 151 -4.13 3.75 -3.95
C ARG B 151 -2.75 3.97 -3.37
N VAL B 152 -2.53 3.54 -2.12
CA VAL B 152 -1.25 3.70 -1.47
C VAL B 152 -0.61 2.34 -1.21
N ARG B 153 0.67 2.18 -1.53
CA ARG B 153 1.37 0.93 -1.29
C ARG B 153 2.76 1.19 -0.75
N GLY B 154 3.20 0.29 0.14
CA GLY B 154 4.58 0.25 0.57
C GLY B 154 5.21 -1.05 0.06
N MET B 155 6.30 -0.94 -0.66
CA MET B 155 6.89 -2.11 -1.30
C MET B 155 8.14 -2.55 -0.59
N ALA B 156 8.57 -1.78 0.41
CA ALA B 156 9.87 -1.99 1.04
C ALA B 156 10.90 -2.22 -0.06
N ASP B 157 11.68 -3.30 0.06
CA ASP B 157 12.77 -3.57 -0.89
C ASP B 157 12.45 -4.67 -1.90
N THR B 158 11.18 -5.02 -2.03
CA THR B 158 10.78 -6.16 -2.85
C THR B 158 10.77 -5.89 -4.36
N GLU B 159 11.00 -4.65 -4.77
CA GLU B 159 10.97 -4.31 -6.21
C GLU B 159 12.13 -3.40 -6.60
N PRO B 160 13.37 -3.91 -6.47
CA PRO B 160 14.54 -3.13 -6.87
C PRO B 160 14.53 -2.87 -8.36
N LEU B 161 15.00 -1.69 -8.76
CA LEU B 161 15.24 -1.42 -10.17
C LEU B 161 16.62 -1.99 -10.50
N LEU B 162 17.51 -1.93 -9.52
CA LEU B 162 18.86 -2.46 -9.66
C LEU B 162 19.24 -3.23 -8.40
N PRO B 163 20.16 -4.18 -8.53
CA PRO B 163 20.74 -4.85 -7.36
C PRO B 163 21.29 -3.83 -6.36
N ASN B 164 21.13 -4.12 -5.07
CA ASN B 164 21.57 -3.21 -4.02
C ASN B 164 23.04 -3.40 -3.69
N ASP B 165 23.91 -3.18 -4.68
CA ASP B 165 25.33 -3.48 -4.54
C ASP B 165 26.25 -2.26 -4.51
N SER B 166 25.69 -1.08 -4.79
CA SER B 166 26.45 0.17 -4.67
C SER B 166 25.59 1.25 -4.05
N ASP B 167 26.21 2.36 -3.71
CA ASP B 167 25.47 3.47 -3.11
C ASP B 167 24.56 4.15 -4.13
N ASP B 168 25.01 4.21 -5.37
CA ASP B 168 24.19 4.80 -6.41
C ASP B 168 22.98 3.93 -6.72
N ASN B 169 23.18 2.62 -6.72
CA ASN B 169 22.09 1.68 -6.96
C ASN B 169 21.02 1.72 -5.87
N ARG B 170 21.46 1.76 -4.62
CA ARG B 170 20.55 1.78 -3.50
C ARG B 170 19.76 3.08 -3.50
N ALA B 171 20.44 4.20 -3.74
CA ALA B 171 19.79 5.50 -3.82
C ALA B 171 18.68 5.43 -4.87
N LEU B 172 18.97 4.72 -5.95
CA LEU B 172 18.05 4.61 -7.08
C LEU B 172 16.82 3.75 -6.76
N ASN B 173 17.02 2.77 -5.90
CA ASN B 173 15.94 1.86 -5.51
C ASN B 173 14.97 2.55 -4.56
N ARG B 174 15.41 3.64 -3.94
CA ARG B 174 14.63 4.33 -2.93
C ARG B 174 13.67 5.38 -3.49
N ARG B 175 13.37 5.30 -4.79
CA ARG B 175 12.43 6.23 -5.42
C ARG B 175 10.98 6.02 -4.98
N VAL B 176 10.13 6.99 -5.32
CA VAL B 176 8.69 6.79 -5.19
C VAL B 176 8.11 6.79 -6.60
N GLU B 177 7.05 6.03 -6.80
CA GLU B 177 6.45 5.93 -8.12
C GLU B 177 4.96 6.27 -8.10
N ILE B 178 4.55 6.99 -9.12
CA ILE B 178 3.15 7.24 -9.37
C ILE B 178 2.79 6.55 -10.67
N SER B 179 1.89 5.59 -10.56
CA SER B 179 1.44 4.82 -11.71
C SER B 179 0.03 5.22 -12.11
N ILE B 180 -0.14 5.61 -13.37
CA ILE B 180 -1.48 5.89 -13.89
C ILE B 180 -1.97 4.69 -14.69
N MET B 181 -3.03 4.05 -14.23
CA MET B 181 -3.52 2.83 -14.87
C MET B 181 -4.91 2.99 -15.48
N GLN B 182 -4.95 3.09 -16.81
CA GLN B 182 -6.18 3.15 -17.56
C GLN B 182 -6.91 1.81 -17.53
#